data_4M3L
#
_entry.id   4M3L
#
_cell.length_a   70.790
_cell.length_b   24.410
_cell.length_c   75.390
_cell.angle_alpha   90.00
_cell.angle_beta   107.65
_cell.angle_gamma   90.00
#
_symmetry.space_group_name_H-M   'P 1 21 1'
#
loop_
_entity.id
_entity.type
_entity.pdbx_description
1 polymer 'E3 ubiquitin-protein ligase TRIM63'
2 non-polymer (4S)-2-METHYL-2,4-PENTANEDIOL
3 non-polymer GLYCEROL
4 non-polymer 'ACETATE ION'
5 water water
#
_entity_poly.entity_id   1
_entity_poly.type   'polypeptide(L)'
_entity_poly.pdbx_seq_one_letter_code
;GAMDTLYAILDEKKSELLQRITQEQEEKLSFIEALIQQYQEQLDKSTKLVETAIQSLDEPG
;
_entity_poly.pdbx_strand_id   A,C,B,D
#
# COMPACT_ATOMS: atom_id res chain seq x y z
N GLY A 1 56.64 20.69 -18.65
CA GLY A 1 57.22 20.78 -17.32
C GLY A 1 56.48 19.92 -16.30
N ALA A 2 57.02 19.88 -15.08
CA ALA A 2 56.45 19.10 -13.99
C ALA A 2 55.07 19.60 -13.55
N MET A 3 54.86 20.90 -13.68
CA MET A 3 53.59 21.49 -13.30
C MET A 3 52.48 21.10 -14.27
N ASP A 4 52.80 20.99 -15.55
CA ASP A 4 51.85 20.54 -16.56
C ASP A 4 51.46 19.08 -16.36
N THR A 5 52.45 18.26 -16.04
CA THR A 5 52.23 16.88 -15.68
C THR A 5 51.29 16.77 -14.46
N LEU A 6 51.58 17.53 -13.41
CA LEU A 6 50.74 17.55 -12.21
C LEU A 6 49.28 17.87 -12.50
N TYR A 7 49.02 18.89 -13.32
CA TYR A 7 47.65 19.26 -13.62
C TYR A 7 46.95 18.19 -14.47
N ALA A 8 47.69 17.62 -15.43
CA ALA A 8 47.14 16.54 -16.26
C ALA A 8 46.71 15.36 -15.41
N ILE A 9 47.57 15.02 -14.44
CA ILE A 9 47.28 13.98 -13.45
C ILE A 9 46.01 14.30 -12.66
N LEU A 10 45.88 15.54 -12.20
CA LEU A 10 44.69 15.94 -11.44
C LEU A 10 43.42 15.86 -12.27
N ASP A 11 43.53 16.16 -13.57
CA ASP A 11 42.38 16.05 -14.46
C ASP A 11 41.98 14.60 -14.64
N GLU A 12 42.98 13.76 -14.90
CA GLU A 12 42.76 12.31 -14.99
C GLU A 12 42.15 11.76 -13.71
N LYS A 13 42.69 12.15 -12.55
CA LYS A 13 42.12 11.76 -11.27
C LYS A 13 40.65 12.19 -11.18
N LYS A 14 40.35 13.38 -11.69
CA LYS A 14 38.98 13.88 -11.63
C LYS A 14 38.04 12.96 -12.41
N SER A 15 38.44 12.58 -13.63
CA SER A 15 37.68 11.67 -14.46
C SER A 15 37.52 10.30 -13.80
N GLU A 16 38.57 9.80 -13.16
CA GLU A 16 38.51 8.50 -12.47
C GLU A 16 37.54 8.54 -11.29
N LEU A 17 37.56 9.64 -10.54
CA LEU A 17 36.64 9.85 -9.43
C LEU A 17 35.19 9.91 -9.89
N LEU A 18 34.94 10.68 -10.95
CA LEU A 18 33.61 10.74 -11.56
C LEU A 18 33.13 9.35 -11.94
N GLN A 19 34.03 8.54 -12.50
CA GLN A 19 33.73 7.19 -12.90
C GLN A 19 33.31 6.34 -11.68
N ARG A 20 34.05 6.47 -10.58
CA ARG A 20 33.77 5.73 -9.35
CA ARG A 20 33.76 5.71 -9.36
C ARG A 20 32.43 6.15 -8.72
N ILE A 21 32.21 7.46 -8.62
CA ILE A 21 30.95 7.98 -8.09
C ILE A 21 29.76 7.52 -8.94
N THR A 22 29.96 7.52 -10.26
CA THR A 22 28.93 7.13 -11.20
C THR A 22 28.49 5.67 -11.03
N GLN A 23 29.48 4.79 -10.92
CA GLN A 23 29.22 3.37 -10.71
C GLN A 23 28.45 3.14 -9.41
N GLU A 24 28.82 3.88 -8.37
CA GLU A 24 28.14 3.76 -7.08
C GLU A 24 26.73 4.32 -7.14
N GLN A 25 26.55 5.44 -7.85
CA GLN A 25 25.22 6.01 -8.04
C GLN A 25 24.33 5.10 -8.90
N GLU A 26 24.94 4.45 -9.90
CA GLU A 26 24.20 3.50 -10.73
C GLU A 26 23.68 2.33 -9.90
N GLU A 27 24.50 1.86 -8.96
CA GLU A 27 24.10 0.80 -8.03
C GLU A 27 22.97 1.26 -7.11
N LYS A 28 23.12 2.47 -6.58
CA LYS A 28 22.07 3.08 -5.79
C LYS A 28 20.74 3.12 -6.58
N LEU A 29 20.81 3.54 -7.84
CA LEU A 29 19.61 3.66 -8.67
C LEU A 29 18.92 2.31 -8.87
N SER A 30 19.72 1.28 -9.16
CA SER A 30 19.22 -0.07 -9.40
C SER A 30 18.52 -0.61 -8.18
N PHE A 31 19.08 -0.35 -7.01
CA PHE A 31 18.53 -0.87 -5.78
C PHE A 31 17.19 -0.20 -5.52
N ILE A 32 17.14 1.10 -5.77
CA ILE A 32 15.92 1.88 -5.64
C ILE A 32 14.85 1.37 -6.60
N GLU A 33 15.25 1.10 -7.84
CA GLU A 33 14.28 0.59 -8.81
C GLU A 33 13.78 -0.83 -8.44
N ALA A 34 14.67 -1.70 -7.97
CA ALA A 34 14.24 -3.02 -7.52
C ALA A 34 13.37 -2.91 -6.26
N LEU A 35 13.64 -1.92 -5.40
CA LEU A 35 12.81 -1.70 -4.21
C LEU A 35 11.40 -1.23 -4.53
N ILE A 36 11.28 -0.29 -5.46
CA ILE A 36 10.00 0.21 -5.91
C ILE A 36 9.16 -0.91 -6.57
N GLN A 37 9.83 -1.75 -7.34
CA GLN A 37 9.11 -2.81 -8.04
C GLN A 37 8.55 -3.84 -7.05
N GLN A 38 9.36 -4.24 -6.08
CA GLN A 38 8.91 -5.19 -5.06
C GLN A 38 7.78 -4.64 -4.18
N TYR A 39 7.86 -3.35 -3.85
CA TYR A 39 6.84 -2.68 -3.07
C TYR A 39 5.54 -2.69 -3.87
N GLN A 40 5.63 -2.21 -5.11
CA GLN A 40 4.50 -2.19 -6.03
C GLN A 40 3.82 -3.56 -6.13
N GLU A 41 4.63 -4.62 -6.26
CA GLU A 41 4.10 -5.97 -6.42
C GLU A 41 3.44 -6.44 -5.13
N GLN A 42 4.08 -6.16 -4.00
CA GLN A 42 3.46 -6.44 -2.71
C GLN A 42 2.11 -5.73 -2.56
N LEU A 43 2.07 -4.44 -2.89
CA LEU A 43 0.85 -3.64 -2.77
C LEU A 43 -0.23 -4.16 -3.71
N ASP A 44 0.19 -4.60 -4.89
CA ASP A 44 -0.75 -5.08 -5.89
C ASP A 44 -1.38 -6.40 -5.48
N LYS A 45 -0.55 -7.36 -5.08
CA LYS A 45 -1.00 -8.65 -4.59
C LYS A 45 -2.00 -8.50 -3.46
N SER A 46 -1.63 -7.73 -2.44
CA SER A 46 -2.48 -7.54 -1.26
C SER A 46 -3.84 -6.97 -1.62
N THR A 47 -3.84 -5.99 -2.51
CA THR A 47 -5.08 -5.30 -2.89
C THR A 47 -5.98 -6.26 -3.69
N LYS A 48 -5.37 -7.08 -4.54
CA LYS A 48 -6.11 -8.05 -5.36
C LYS A 48 -6.70 -9.16 -4.50
N LEU A 49 -5.92 -9.65 -3.54
CA LEU A 49 -6.43 -10.54 -2.50
C LEU A 49 -7.65 -9.94 -1.82
N VAL A 50 -7.53 -8.69 -1.37
CA VAL A 50 -8.61 -8.05 -0.65
C VAL A 50 -9.88 -7.86 -1.48
N GLU A 51 -9.72 -7.37 -2.70
CA GLU A 51 -10.88 -7.08 -3.53
C GLU A 51 -11.55 -8.36 -3.98
N THR A 52 -10.76 -9.43 -4.14
CA THR A 52 -11.29 -10.74 -4.48
C THR A 52 -12.05 -11.41 -3.33
N ALA A 53 -11.52 -11.26 -2.11
CA ALA A 53 -12.18 -11.82 -0.94
C ALA A 53 -13.53 -11.15 -0.70
N ILE A 54 -13.56 -9.82 -0.76
CA ILE A 54 -14.82 -9.09 -0.63
C ILE A 54 -15.81 -9.43 -1.74
N GLN A 55 -15.35 -9.42 -2.99
CA GLN A 55 -16.19 -9.77 -4.12
C GLN A 55 -16.80 -11.18 -3.95
N SER A 56 -16.04 -12.10 -3.35
CA SER A 56 -16.47 -13.49 -3.25
C SER A 56 -17.32 -13.73 -2.01
N LEU A 57 -17.10 -12.90 -1.01
CA LEU A 57 -17.86 -12.97 0.21
C LEU A 57 -19.30 -12.62 -0.10
N ASP A 58 -19.49 -11.44 -0.69
CA ASP A 58 -20.81 -10.98 -1.11
C ASP A 58 -21.34 -11.76 -2.31
N GLU A 59 -21.08 -13.07 -2.34
CA GLU A 59 -21.50 -13.94 -3.42
C GLU A 59 -21.39 -15.41 -3.03
N PRO A 60 -21.11 -16.28 -4.02
CA PRO A 60 -20.97 -17.74 -3.98
C PRO A 60 -22.14 -18.41 -3.27
N ALA B 2 62.02 21.21 -32.10
CA ALA B 2 62.17 20.78 -30.72
C ALA B 2 61.05 19.84 -30.31
N MET B 3 61.37 18.88 -29.47
CA MET B 3 60.39 17.94 -28.96
C MET B 3 59.36 18.65 -28.10
N ASP B 4 59.66 19.88 -27.68
CA ASP B 4 58.77 20.66 -26.84
C ASP B 4 57.52 21.14 -27.59
N THR B 5 57.74 21.82 -28.72
CA THR B 5 56.64 22.33 -29.52
C THR B 5 55.76 21.18 -30.05
N LEU B 6 56.38 20.08 -30.42
CA LEU B 6 55.63 18.93 -30.91
C LEU B 6 54.81 18.29 -29.79
N TYR B 7 55.47 17.99 -28.68
CA TYR B 7 54.78 17.42 -27.52
C TYR B 7 53.70 18.37 -27.00
N ALA B 8 53.92 19.67 -27.11
CA ALA B 8 52.90 20.65 -26.71
C ALA B 8 51.57 20.52 -27.50
N ILE B 9 51.65 20.44 -28.83
CA ILE B 9 50.46 20.30 -29.67
C ILE B 9 49.70 18.99 -29.38
N LEU B 10 50.47 17.92 -29.21
CA LEU B 10 49.94 16.63 -28.84
C LEU B 10 49.20 16.72 -27.50
N ASP B 11 49.83 17.36 -26.52
CA ASP B 11 49.21 17.48 -25.21
C ASP B 11 47.90 18.24 -25.26
N GLU B 12 47.82 19.23 -26.16
CA GLU B 12 46.61 20.02 -26.32
C GLU B 12 45.45 19.14 -26.75
N LYS B 13 45.74 18.27 -27.71
CA LYS B 13 44.71 17.40 -28.27
C LYS B 13 44.29 16.33 -27.27
N LYS B 14 45.26 15.79 -26.52
CA LYS B 14 44.97 14.84 -25.45
C LYS B 14 44.07 15.47 -24.40
N SER B 15 44.43 16.69 -24.02
CA SER B 15 43.68 17.49 -23.06
C SER B 15 42.23 17.75 -23.49
N GLU B 16 42.06 18.12 -24.76
CA GLU B 16 40.71 18.32 -25.31
C GLU B 16 39.92 17.03 -25.18
N LEU B 17 40.54 15.91 -25.54
CA LEU B 17 39.85 14.62 -25.47
C LEU B 17 39.45 14.26 -24.05
N LEU B 18 40.32 14.51 -23.07
CA LEU B 18 40.00 14.23 -21.68
C LEU B 18 38.85 15.13 -21.21
N GLN B 19 38.85 16.39 -21.65
CA GLN B 19 37.76 17.32 -21.35
C GLN B 19 36.41 16.85 -21.90
N ARG B 20 36.43 16.35 -23.13
CA ARG B 20 35.24 15.81 -23.77
C ARG B 20 34.70 14.63 -22.98
N ILE B 21 35.61 13.74 -22.58
CA ILE B 21 35.25 12.59 -21.77
C ILE B 21 34.68 13.00 -20.39
N THR B 22 35.33 13.98 -19.76
CA THR B 22 34.87 14.47 -18.45
C THR B 22 33.47 15.09 -18.54
N GLN B 23 33.26 15.90 -19.58
CA GLN B 23 31.95 16.49 -19.87
C GLN B 23 30.84 15.44 -19.95
N GLU B 24 31.06 14.42 -20.78
CA GLU B 24 30.10 13.34 -20.96
C GLU B 24 29.81 12.63 -19.64
N GLN B 25 30.86 12.38 -18.87
CA GLN B 25 30.74 11.79 -17.53
C GLN B 25 29.84 12.59 -16.58
N GLU B 26 30.01 13.90 -16.60
CA GLU B 26 29.24 14.81 -15.79
C GLU B 26 27.78 14.81 -16.19
N GLU B 27 27.52 14.83 -17.50
CA GLU B 27 26.17 14.72 -18.03
C GLU B 27 25.48 13.44 -17.56
N LYS B 28 26.13 12.30 -17.75
CA LYS B 28 25.59 11.02 -17.34
C LYS B 28 25.36 10.95 -15.83
N LEU B 29 26.35 11.36 -15.04
CA LEU B 29 26.14 11.39 -13.58
C LEU B 29 24.98 12.33 -13.19
N SER B 30 24.87 13.47 -13.85
CA SER B 30 23.79 14.40 -13.57
C SER B 30 22.43 13.75 -13.82
N PHE B 31 22.33 12.96 -14.89
CA PHE B 31 21.09 12.29 -15.23
C PHE B 31 20.74 11.20 -14.21
N ILE B 32 21.73 10.40 -13.81
CA ILE B 32 21.51 9.34 -12.85
C ILE B 32 20.96 9.90 -11.53
N GLU B 33 21.54 11.01 -11.11
CA GLU B 33 21.19 11.62 -9.82
C GLU B 33 19.80 12.26 -9.83
N ALA B 34 19.45 12.89 -10.94
CA ALA B 34 18.12 13.47 -11.09
C ALA B 34 17.08 12.34 -11.05
N LEU B 35 17.42 11.20 -11.66
CA LEU B 35 16.54 10.03 -11.68
C LEU B 35 16.37 9.44 -10.28
N ILE B 36 17.47 9.34 -9.55
CA ILE B 36 17.41 8.83 -8.19
C ILE B 36 16.52 9.70 -7.33
N GLN B 37 16.64 11.02 -7.46
CA GLN B 37 15.78 11.93 -6.70
C GLN B 37 14.31 11.80 -7.10
N GLN B 38 14.03 11.64 -8.39
CA GLN B 38 12.66 11.51 -8.87
C GLN B 38 12.00 10.22 -8.36
N TYR B 39 12.71 9.09 -8.46
CA TYR B 39 12.22 7.84 -7.91
C TYR B 39 12.01 7.92 -6.39
N GLN B 40 12.97 8.49 -5.66
CA GLN B 40 12.78 8.65 -4.22
C GLN B 40 11.55 9.48 -3.86
N GLU B 41 11.30 10.53 -4.62
CA GLU B 41 10.10 11.34 -4.42
C GLU B 41 8.83 10.54 -4.73
N GLN B 42 8.85 9.78 -5.82
CA GLN B 42 7.73 8.91 -6.15
C GLN B 42 7.49 7.86 -5.06
N LEU B 43 8.57 7.30 -4.53
CA LEU B 43 8.43 6.34 -3.46
C LEU B 43 7.84 7.02 -2.23
N ASP B 44 8.32 8.22 -1.93
CA ASP B 44 7.81 8.95 -0.80
C ASP B 44 6.31 9.24 -0.92
N LYS B 45 5.88 9.65 -2.09
CA LYS B 45 4.49 10.00 -2.28
C LYS B 45 3.60 8.77 -2.09
N SER B 46 4.10 7.65 -2.59
CA SER B 46 3.40 6.37 -2.55
C SER B 46 3.20 5.86 -1.14
N THR B 47 4.25 5.94 -0.32
CA THR B 47 4.16 5.51 1.07
C THR B 47 3.15 6.39 1.84
N LYS B 48 3.13 7.68 1.54
CA LYS B 48 2.17 8.59 2.16
C LYS B 48 0.73 8.21 1.77
N LEU B 49 0.54 7.84 0.51
CA LEU B 49 -0.78 7.43 0.03
C LEU B 49 -1.24 6.15 0.69
N VAL B 50 -0.30 5.23 0.88
CA VAL B 50 -0.61 3.95 1.49
C VAL B 50 -0.90 4.12 2.99
N GLU B 51 -0.17 5.02 3.65
CA GLU B 51 -0.42 5.31 5.06
C GLU B 51 -1.78 5.96 5.26
N THR B 52 -2.16 6.82 4.33
CA THR B 52 -3.51 7.38 4.28
C THR B 52 -4.54 6.26 4.16
N ALA B 53 -4.30 5.34 3.23
CA ALA B 53 -5.15 4.15 3.04
C ALA B 53 -5.27 3.32 4.32
N ILE B 54 -4.13 3.02 4.93
CA ILE B 54 -4.09 2.29 6.19
C ILE B 54 -4.97 2.97 7.24
N GLN B 55 -4.75 4.26 7.43
CA GLN B 55 -5.44 4.99 8.48
C GLN B 55 -6.93 5.14 8.22
N SER B 56 -7.30 5.12 6.95
CA SER B 56 -8.71 5.27 6.58
C SER B 56 -9.50 4.00 6.91
N LEU B 57 -8.79 2.92 7.19
CA LEU B 57 -9.41 1.66 7.58
C LEU B 57 -9.58 1.55 9.10
N ASP B 58 -8.98 2.49 9.82
CA ASP B 58 -9.07 2.52 11.28
C ASP B 58 -10.41 3.12 11.72
N GLY C 1 -62.91 -20.95 34.92
CA GLY C 1 -61.71 -21.75 35.01
C GLY C 1 -60.48 -20.90 35.35
N ALA C 2 -60.13 -20.88 36.63
CA ALA C 2 -59.04 -20.06 37.12
C ALA C 2 -57.72 -20.41 36.41
N MET C 3 -57.57 -21.70 36.10
CA MET C 3 -56.36 -22.19 35.44
C MET C 3 -56.32 -21.77 33.97
N ASP C 4 -57.50 -21.81 33.34
CA ASP C 4 -57.65 -21.34 31.96
C ASP C 4 -57.18 -19.90 31.85
N THR C 5 -57.75 -19.04 32.68
CA THR C 5 -57.41 -17.62 32.71
C THR C 5 -55.90 -17.39 32.85
N LEU C 6 -55.28 -18.07 33.81
CA LEU C 6 -53.84 -17.93 34.05
C LEU C 6 -53.04 -18.25 32.79
N TYR C 7 -53.49 -19.28 32.08
CA TYR C 7 -52.86 -19.67 30.82
C TYR C 7 -53.07 -18.60 29.76
N ALA C 8 -54.29 -18.07 29.70
CA ALA C 8 -54.63 -17.02 28.74
C ALA C 8 -53.77 -15.78 28.97
N ILE C 9 -53.74 -15.29 30.21
CA ILE C 9 -52.89 -14.16 30.55
C ILE C 9 -51.45 -14.46 30.14
N LEU C 10 -50.98 -15.65 30.49
CA LEU C 10 -49.63 -16.08 30.14
C LEU C 10 -49.47 -16.19 28.63
N ASP C 11 -50.53 -16.64 27.96
CA ASP C 11 -50.56 -16.74 26.50
C ASP C 11 -50.35 -15.36 25.87
N GLU C 12 -51.12 -14.37 26.33
CA GLU C 12 -50.97 -12.99 25.89
C GLU C 12 -49.54 -12.51 26.13
N LYS C 13 -49.04 -12.82 27.32
CA LYS C 13 -47.71 -12.38 27.74
C LYS C 13 -46.59 -12.88 26.83
N LYS C 14 -46.61 -14.15 26.46
CA LYS C 14 -45.54 -14.66 25.59
C LYS C 14 -45.56 -14.00 24.21
N SER C 15 -46.76 -13.77 23.68
CA SER C 15 -46.89 -13.05 22.41
C SER C 15 -46.29 -11.64 22.50
N GLU C 16 -46.55 -10.97 23.62
CA GLU C 16 -46.03 -9.63 23.84
C GLU C 16 -44.51 -9.65 24.00
N LEU C 17 -44.03 -10.60 24.80
CA LEU C 17 -42.59 -10.80 24.97
C LEU C 17 -41.97 -11.07 23.62
N LEU C 18 -42.62 -11.94 22.84
CA LEU C 18 -42.10 -12.30 21.53
C LEU C 18 -41.98 -11.08 20.62
N GLN C 19 -43.00 -10.23 20.57
CA GLN C 19 -42.96 -9.05 19.71
C GLN C 19 -41.83 -8.09 20.09
N ARG C 20 -41.54 -7.97 21.38
CA ARG C 20 -40.40 -7.17 21.81
C ARG C 20 -39.06 -7.80 21.39
N ILE C 21 -38.95 -9.11 21.55
CA ILE C 21 -37.73 -9.83 21.18
C ILE C 21 -37.45 -9.70 19.70
N THR C 22 -38.48 -9.91 18.89
CA THR C 22 -38.38 -9.79 17.43
C THR C 22 -37.93 -8.39 17.03
N GLN C 23 -38.58 -7.37 17.59
CA GLN C 23 -38.23 -5.98 17.30
C GLN C 23 -36.76 -5.70 17.60
N GLU C 24 -36.24 -6.31 18.65
CA GLU C 24 -34.86 -6.11 19.03
C GLU C 24 -33.91 -6.83 18.07
N GLN C 25 -34.27 -8.04 17.69
CA GLN C 25 -33.50 -8.80 16.72
C GLN C 25 -33.32 -8.02 15.42
N GLU C 26 -34.41 -7.43 14.94
CA GLU C 26 -34.39 -6.62 13.73
C GLU C 26 -33.47 -5.41 13.90
N GLU C 27 -33.56 -4.75 15.06
CA GLU C 27 -32.69 -3.63 15.38
C GLU C 27 -31.21 -4.02 15.38
N LYS C 28 -30.86 -5.12 16.07
CA LYS C 28 -29.49 -5.63 16.00
C LYS C 28 -29.06 -5.99 14.57
N LEU C 29 -29.91 -6.72 13.86
CA LEU C 29 -29.57 -7.17 12.52
C LEU C 29 -29.38 -5.99 11.57
N SER C 30 -30.27 -5.02 11.66
CA SER C 30 -30.16 -3.84 10.80
C SER C 30 -28.86 -3.11 11.11
N PHE C 31 -28.50 -3.05 12.38
CA PHE C 31 -27.25 -2.40 12.77
C PHE C 31 -26.04 -3.13 12.21
N ILE C 32 -26.05 -4.45 12.31
CA ILE C 32 -24.98 -5.27 11.75
C ILE C 32 -24.80 -5.04 10.24
N GLU C 33 -25.91 -4.95 9.51
CA GLU C 33 -25.88 -4.68 8.07
C GLU C 33 -25.31 -3.32 7.72
N ALA C 34 -25.57 -2.33 8.58
CA ALA C 34 -25.06 -1.00 8.33
C ALA C 34 -23.55 -1.02 8.48
N LEU C 35 -23.09 -1.72 9.51
CA LEU C 35 -21.68 -1.83 9.86
C LEU C 35 -20.88 -2.52 8.76
N ILE C 36 -21.44 -3.59 8.22
CA ILE C 36 -20.85 -4.28 7.08
C ILE C 36 -20.68 -3.32 5.89
N GLN C 37 -21.74 -2.58 5.60
CA GLN C 37 -21.79 -1.70 4.44
C GLN C 37 -20.82 -0.54 4.60
N GLN C 38 -20.72 -0.03 5.82
CA GLN C 38 -19.77 1.02 6.16
C GLN C 38 -18.34 0.52 5.93
N TYR C 39 -18.04 -0.68 6.41
CA TYR C 39 -16.70 -1.26 6.28
C TYR C 39 -16.34 -1.52 4.82
N GLN C 40 -17.28 -2.07 4.08
CA GLN C 40 -17.08 -2.33 2.66
C GLN C 40 -16.79 -1.01 1.90
N GLU C 41 -17.47 0.06 2.29
CA GLU C 41 -17.21 1.36 1.69
C GLU C 41 -15.81 1.91 2.02
N GLN C 42 -15.38 1.77 3.28
CA GLN C 42 -14.06 2.22 3.69
C GLN C 42 -13.01 1.45 2.93
N LEU C 43 -13.21 0.13 2.84
CA LEU C 43 -12.27 -0.74 2.17
C LEU C 43 -12.13 -0.37 0.70
N ASP C 44 -13.22 0.10 0.11
CA ASP C 44 -13.19 0.49 -1.29
C ASP C 44 -12.41 1.78 -1.47
N LYS C 45 -12.65 2.75 -0.60
CA LYS C 45 -11.91 4.00 -0.64
C LYS C 45 -10.44 3.70 -0.45
N SER C 46 -10.17 2.79 0.48
CA SER C 46 -8.81 2.39 0.82
C SER C 46 -8.08 1.75 -0.36
N THR C 47 -8.75 0.85 -1.07
CA THR C 47 -8.11 0.16 -2.18
C THR C 47 -7.78 1.08 -3.34
N LYS C 48 -8.61 2.10 -3.55
CA LYS C 48 -8.37 3.04 -4.63
C LYS C 48 -7.14 3.90 -4.29
N LEU C 49 -6.99 4.22 -3.00
CA LEU C 49 -5.82 4.94 -2.53
C LEU C 49 -4.55 4.15 -2.78
N VAL C 50 -4.60 2.85 -2.51
CA VAL C 50 -3.43 2.01 -2.74
C VAL C 50 -3.20 1.88 -4.25
N GLU C 51 -4.28 1.83 -5.01
CA GLU C 51 -4.17 1.81 -6.46
C GLU C 51 -3.47 3.07 -6.99
N THR C 52 -3.79 4.22 -6.41
CA THR C 52 -3.13 5.47 -6.78
C THR C 52 -1.64 5.44 -6.39
N ALA C 53 -1.33 4.83 -5.25
CA ALA C 53 0.06 4.65 -4.85
C ALA C 53 0.81 3.76 -5.85
N ILE C 54 0.18 2.64 -6.20
CA ILE C 54 0.75 1.72 -7.18
C ILE C 54 0.99 2.41 -8.52
N GLN C 55 0.03 3.21 -8.96
CA GLN C 55 0.18 3.94 -10.23
C GLN C 55 1.30 4.99 -10.16
N SER C 56 1.50 5.56 -8.98
CA SER C 56 2.57 6.53 -8.76
C SER C 56 3.96 5.94 -9.01
N LEU C 57 4.12 4.67 -8.69
CA LEU C 57 5.42 4.04 -8.76
C LEU C 57 5.79 3.63 -10.21
N ASP C 58 4.87 3.87 -11.14
CA ASP C 58 5.16 3.65 -12.55
C ASP C 58 5.98 4.82 -13.09
N THR D 5 -53.24 -16.07 18.67
CA THR D 5 -52.32 -17.12 19.09
C THR D 5 -51.57 -17.72 17.91
N LEU D 6 -52.15 -17.64 16.71
CA LEU D 6 -51.47 -18.10 15.50
C LEU D 6 -50.26 -17.24 15.17
N TYR D 7 -50.36 -15.95 15.45
CA TYR D 7 -49.28 -15.00 15.19
C TYR D 7 -48.13 -15.20 16.15
N ALA D 8 -48.42 -15.76 17.32
CA ALA D 8 -47.38 -16.14 18.26
C ALA D 8 -46.53 -17.22 17.58
N ILE D 9 -47.19 -18.24 17.03
CA ILE D 9 -46.50 -19.29 16.27
C ILE D 9 -45.66 -18.73 15.11
N LEU D 10 -46.25 -17.86 14.30
CA LEU D 10 -45.56 -17.27 13.15
C LEU D 10 -44.42 -16.35 13.58
N ASP D 11 -44.59 -15.70 14.73
CA ASP D 11 -43.54 -14.83 15.27
C ASP D 11 -42.42 -15.61 15.93
N GLU D 12 -42.71 -16.82 16.40
CA GLU D 12 -41.63 -17.70 16.87
C GLU D 12 -40.76 -18.08 15.68
N LYS D 13 -41.38 -18.51 14.59
CA LYS D 13 -40.61 -18.88 13.41
C LYS D 13 -39.79 -17.72 12.87
N LYS D 14 -40.39 -16.54 12.84
CA LYS D 14 -39.70 -15.34 12.38
C LYS D 14 -38.46 -15.08 13.23
N SER D 15 -38.63 -15.17 14.56
CA SER D 15 -37.54 -15.00 15.52
C SER D 15 -36.41 -16.01 15.30
N GLU D 16 -36.77 -17.26 15.03
CA GLU D 16 -35.76 -18.27 14.72
C GLU D 16 -35.06 -17.95 13.41
N LEU D 17 -35.82 -17.50 12.40
CA LEU D 17 -35.21 -17.08 11.15
C LEU D 17 -34.29 -15.86 11.34
N LEU D 18 -34.75 -14.88 12.12
CA LEU D 18 -33.96 -13.68 12.36
C LEU D 18 -32.64 -14.07 13.01
N GLN D 19 -32.72 -15.07 13.90
CA GLN D 19 -31.56 -15.54 14.64
C GLN D 19 -30.47 -16.16 13.77
N ARG D 20 -30.89 -17.00 12.82
CA ARG D 20 -29.98 -17.63 11.87
C ARG D 20 -29.35 -16.63 10.86
N ILE D 21 -30.18 -15.73 10.32
CA ILE D 21 -29.70 -14.68 9.44
C ILE D 21 -28.73 -13.76 10.17
N THR D 22 -29.00 -13.52 11.46
CA THR D 22 -28.11 -12.68 12.27
C THR D 22 -26.76 -13.33 12.47
N GLN D 23 -26.75 -14.61 12.83
CA GLN D 23 -25.50 -15.34 12.96
C GLN D 23 -24.71 -15.40 11.65
N GLU D 24 -25.42 -15.52 10.53
CA GLU D 24 -24.76 -15.52 9.24
C GLU D 24 -24.12 -14.17 8.95
N GLN D 25 -24.82 -13.09 9.29
CA GLN D 25 -24.32 -11.74 9.03
C GLN D 25 -23.22 -11.31 10.00
N GLU D 26 -23.33 -11.76 11.24
CA GLU D 26 -22.25 -11.62 12.21
C GLU D 26 -21.00 -12.29 11.67
N GLU D 27 -21.15 -13.51 11.15
CA GLU D 27 -20.02 -14.21 10.54
C GLU D 27 -19.44 -13.40 9.37
N LYS D 28 -20.32 -12.84 8.54
CA LYS D 28 -19.89 -12.00 7.41
C LYS D 28 -19.08 -10.80 7.88
N LEU D 29 -19.57 -10.11 8.90
CA LEU D 29 -18.91 -8.95 9.50
C LEU D 29 -17.57 -9.33 10.11
N SER D 30 -17.54 -10.49 10.74
CA SER D 30 -16.33 -11.02 11.34
C SER D 30 -15.26 -11.22 10.25
N PHE D 31 -15.66 -11.85 9.14
CA PHE D 31 -14.74 -12.09 8.01
C PHE D 31 -14.20 -10.80 7.41
N ILE D 32 -15.08 -9.84 7.19
CA ILE D 32 -14.73 -8.52 6.67
C ILE D 32 -13.71 -7.83 7.59
N GLU D 33 -14.01 -7.79 8.88
CA GLU D 33 -13.13 -7.12 9.84
C GLU D 33 -11.73 -7.74 9.81
N ALA D 34 -11.66 -9.05 9.78
CA ALA D 34 -10.38 -9.74 9.76
C ALA D 34 -9.65 -9.50 8.43
N LEU D 35 -10.42 -9.45 7.35
CA LEU D 35 -9.86 -9.25 6.02
C LEU D 35 -9.23 -7.86 5.96
N ILE D 36 -9.99 -6.88 6.46
CA ILE D 36 -9.50 -5.52 6.58
C ILE D 36 -8.25 -5.41 7.43
N GLN D 37 -8.27 -6.02 8.62
CA GLN D 37 -7.11 -5.98 9.51
C GLN D 37 -5.87 -6.62 8.86
N GLN D 38 -6.11 -7.68 8.08
CA GLN D 38 -5.05 -8.37 7.38
C GLN D 38 -4.45 -7.46 6.31
N TYR D 39 -5.31 -6.78 5.56
CA TYR D 39 -4.91 -5.84 4.52
C TYR D 39 -4.04 -4.75 5.13
N GLN D 40 -4.56 -4.10 6.16
CA GLN D 40 -3.85 -3.05 6.88
C GLN D 40 -2.46 -3.52 7.30
N GLU D 41 -2.38 -4.74 7.82
CA GLU D 41 -1.14 -5.25 8.39
C GLU D 41 -0.12 -5.48 7.30
N GLN D 42 -0.59 -5.97 6.16
CA GLN D 42 0.28 -6.20 5.02
C GLN D 42 0.75 -4.87 4.42
N LEU D 43 -0.18 -3.95 4.17
CA LEU D 43 0.17 -2.61 3.70
C LEU D 43 1.25 -2.01 4.61
N ASP D 44 1.02 -2.10 5.90
CA ASP D 44 1.90 -1.50 6.87
C ASP D 44 3.30 -2.14 6.86
N LYS D 45 3.33 -3.47 6.87
CA LYS D 45 4.61 -4.19 6.85
C LYS D 45 5.43 -3.84 5.61
N SER D 46 4.80 -3.93 4.44
CA SER D 46 5.43 -3.56 3.17
C SER D 46 6.00 -2.15 3.20
N THR D 47 5.23 -1.23 3.77
CA THR D 47 5.63 0.16 3.82
C THR D 47 6.83 0.38 4.77
N LYS D 48 6.80 -0.25 5.93
CA LYS D 48 7.90 -0.13 6.89
C LYS D 48 9.17 -0.75 6.31
N LEU D 49 9.02 -1.87 5.61
CA LEU D 49 10.16 -2.54 4.99
C LEU D 49 10.83 -1.66 3.95
N VAL D 50 10.03 -1.06 3.09
CA VAL D 50 10.61 -0.28 2.00
C VAL D 50 11.34 0.96 2.54
N GLU D 51 10.78 1.57 3.59
CA GLU D 51 11.35 2.77 4.19
C GLU D 51 12.65 2.44 4.92
N THR D 52 12.65 1.32 5.64
CA THR D 52 13.86 0.79 6.25
C THR D 52 14.94 0.54 5.22
N ALA D 53 14.57 -0.12 4.13
CA ALA D 53 15.51 -0.41 3.04
C ALA D 53 16.06 0.86 2.43
N ILE D 54 15.18 1.82 2.12
CA ILE D 54 15.62 3.12 1.68
C ILE D 54 16.61 3.76 2.65
N GLN D 55 16.30 3.69 3.94
CA GLN D 55 17.17 4.26 4.97
C GLN D 55 18.55 3.62 4.96
N SER D 56 18.64 2.36 4.56
CA SER D 56 19.92 1.67 4.54
C SER D 56 20.78 2.04 3.32
N LEU D 57 20.23 2.85 2.42
CA LEU D 57 20.99 3.37 1.29
C LEU D 57 21.67 4.68 1.66
#